data_3I4L
#
_entry.id   3I4L
#
_cell.length_a   128.391
_cell.length_b   128.391
_cell.length_c   105.019
_cell.angle_alpha   90.00
_cell.angle_beta   90.00
_cell.angle_gamma   90.00
#
_symmetry.space_group_name_H-M   'P 43 21 2'
#
loop_
_entity.id
_entity.type
_entity.pdbx_description
1 polymer 'A-TYPE ATP SYNTHASE CATALYTIC SUBUNIT A'
2 non-polymer 'PHOSPHOAMINOPHOSPHONIC ACID-ADENYLATE ESTER'
3 non-polymer (4S)-2-METHYL-2,4-PENTANEDIOL
4 non-polymer 'ACETIC ACID'
5 non-polymer 2-AMINO-2-HYDROXYMETHYL-PROPANE-1,3-DIOL
6 water water
#
_entity_poly.entity_id   1
_entity_poly.type   'polypeptide(L)'
_entity_poly.pdbx_seq_one_letter_code
;MVAKGRIIRVTGPLVVADGMKGAKMYEVVRVGELGLIGEIIRLEGDKAVIQVYEETAGVRPGEPVVGTGASLSVELGPRL
LTSIYDGIQRPLEVIREKTGDFIARGVTAPALPRDKKWHFIPKAKVGDKVVGGDIIGEVPETSIIVHKIMVPPGIEGEIV
EIAEEGDYTIEEVIAKVKTPSGEIKELKMYQRWPVRVKRPYKEKLPPEVPLITGQRVIDTFFPQAKGGTAAIPGPFGSGK
TVTQHQLAKWSDAQVVIYIGCGERGNEMTDVLEEFPKLKDPKTGKPLMERTVLIANTSNMPVAAREASIYTGITIAEYFR
DMGYDVALMADSTSRWAEALREISGRLEEMPGEEGYPAYLASKLAEFYERAGRVVTLGSDYRVGSVSVIGAVSPPGGDFS
EPVVQNTLRVVKVFWALDADLARRRHFPAINWLTSYSLYVDAVKDWWHKNIDPEWKAMRDKAMALLQKESELQEIVRIVG
PDALPERERAILLVARMLREDYLQQDAFDEVDTYCPPEKQVTMMRVLLNFYDKTMEAINRGVPLEEIAKLPVREEIGRMK
FERDVSKIRSLIDKTNEQFEELFKKYGA
;
_entity_poly.pdbx_strand_id   A
#
# COMPACT_ATOMS: atom_id res chain seq x y z
N PRO A 61 -29.60 -17.68 0.45
CA PRO A 61 -28.64 -18.34 1.35
C PRO A 61 -28.51 -19.85 1.07
N GLY A 62 -27.72 -20.55 1.91
CA GLY A 62 -27.61 -22.01 1.86
C GLY A 62 -27.01 -22.58 0.59
N GLU A 63 -27.80 -23.39 -0.12
CA GLU A 63 -27.39 -24.12 -1.34
C GLU A 63 -26.04 -24.88 -1.22
N PRO A 64 -25.81 -25.56 -0.08
CA PRO A 64 -24.43 -25.94 0.31
C PRO A 64 -23.93 -27.25 -0.30
N VAL A 65 -22.61 -27.42 -0.32
CA VAL A 65 -21.99 -28.58 -0.97
C VAL A 65 -20.69 -29.03 -0.31
N VAL A 66 -20.23 -30.22 -0.71
CA VAL A 66 -18.97 -30.80 -0.27
C VAL A 66 -17.75 -30.08 -0.87
N GLY A 67 -16.59 -30.25 -0.24
CA GLY A 67 -15.36 -29.55 -0.62
C GLY A 67 -15.06 -28.44 0.37
N THR A 68 -14.80 -27.24 -0.15
CA THR A 68 -14.66 -26.02 0.67
C THR A 68 -15.91 -25.15 0.44
N GLY A 69 -17.08 -25.80 0.56
CA GLY A 69 -18.33 -25.24 0.06
C GLY A 69 -19.27 -24.61 1.08
N ALA A 70 -20.51 -24.42 0.64
CA ALA A 70 -21.48 -23.50 1.24
C ALA A 70 -21.55 -22.27 0.35
N SER A 71 -20.75 -22.28 -0.73
CA SER A 71 -20.58 -21.17 -1.72
C SER A 71 -20.31 -19.75 -1.15
N LEU A 72 -19.29 -19.63 -0.30
CA LEU A 72 -18.98 -18.38 0.42
C LEU A 72 -18.48 -17.22 -0.48
N SER A 73 -19.36 -16.27 -0.74
CA SER A 73 -19.12 -15.32 -1.81
C SER A 73 -19.33 -13.86 -1.43
N VAL A 74 -19.14 -12.97 -2.41
CA VAL A 74 -19.20 -11.54 -2.22
C VAL A 74 -19.91 -11.00 -3.45
N GLU A 75 -20.63 -9.90 -3.32
CA GLU A 75 -21.22 -9.22 -4.45
C GLU A 75 -20.36 -8.03 -4.87
N LEU A 76 -20.30 -7.77 -6.17
CA LEU A 76 -19.37 -6.78 -6.70
C LEU A 76 -20.06 -5.92 -7.71
N GLY A 77 -20.33 -4.68 -7.37
CA GLY A 77 -21.03 -3.79 -8.29
C GLY A 77 -21.15 -2.44 -7.62
N PRO A 78 -21.86 -1.49 -8.27
CA PRO A 78 -21.99 -0.18 -7.60
C PRO A 78 -22.44 -0.27 -6.11
N ARG A 79 -21.71 0.46 -5.25
CA ARG A 79 -21.99 0.62 -3.81
C ARG A 79 -21.13 -0.22 -2.87
N LEU A 80 -20.04 -0.74 -3.40
CA LEU A 80 -18.96 -1.25 -2.54
C LEU A 80 -18.29 -0.01 -1.92
N LEU A 81 -18.07 1.02 -2.76
CA LEU A 81 -17.45 2.27 -2.34
C LEU A 81 -18.31 2.96 -1.28
N THR A 82 -17.64 3.49 -0.27
CA THR A 82 -18.23 4.18 0.90
C THR A 82 -18.88 3.21 1.91
N SER A 83 -18.86 1.92 1.61
CA SER A 83 -19.49 0.94 2.50
C SER A 83 -18.59 0.57 3.65
N ILE A 84 -19.21 0.15 4.73
CA ILE A 84 -18.54 -0.42 5.87
C ILE A 84 -19.15 -1.81 6.05
N TYR A 85 -18.30 -2.82 6.09
CA TYR A 85 -18.73 -4.22 6.11
C TYR A 85 -18.05 -4.97 7.24
N ASP A 86 -18.51 -6.17 7.52
CA ASP A 86 -17.75 -7.10 8.33
C ASP A 86 -17.05 -8.12 7.42
N GLY A 87 -16.37 -9.09 8.02
CA GLY A 87 -15.62 -10.12 7.30
C GLY A 87 -16.27 -10.95 6.21
N ILE A 88 -17.58 -10.86 6.09
CA ILE A 88 -18.34 -11.58 5.05
C ILE A 88 -19.38 -10.70 4.34
N GLN A 89 -19.11 -9.40 4.29
CA GLN A 89 -19.84 -8.43 3.45
C GLN A 89 -21.30 -8.13 3.83
N ARG A 90 -21.65 -8.25 5.10
CA ARG A 90 -22.93 -7.69 5.59
C ARG A 90 -22.76 -6.23 6.09
N PRO A 91 -23.69 -5.34 5.69
CA PRO A 91 -23.62 -3.87 5.80
C PRO A 91 -23.52 -3.20 7.19
N LEU A 92 -23.40 -3.97 8.28
CA LEU A 92 -22.94 -3.40 9.56
C LEU A 92 -22.23 -4.37 10.51
N GLU A 93 -22.99 -5.16 11.27
CA GLU A 93 -22.46 -5.85 12.46
C GLU A 93 -23.05 -7.23 12.86
N VAL A 94 -22.64 -7.67 14.06
CA VAL A 94 -23.08 -8.89 14.81
C VAL A 94 -24.06 -9.96 14.26
N ILE A 95 -23.50 -11.07 13.76
CA ILE A 95 -24.15 -12.40 13.68
C ILE A 95 -23.03 -13.47 13.81
N ARG A 96 -23.34 -14.63 14.38
CA ARG A 96 -22.34 -15.69 14.68
C ARG A 96 -22.25 -16.82 13.61
N GLU A 97 -21.04 -17.03 13.09
CA GLU A 97 -20.73 -18.05 12.06
C GLU A 97 -19.70 -19.07 12.58
N LYS A 98 -19.62 -20.24 11.95
CA LYS A 98 -18.57 -21.21 12.31
C LYS A 98 -17.82 -21.75 11.10
N THR A 99 -16.49 -21.74 11.20
CA THR A 99 -15.59 -22.03 10.09
C THR A 99 -15.17 -23.50 10.08
N GLY A 100 -14.82 -24.01 8.91
CA GLY A 100 -14.33 -25.37 8.76
C GLY A 100 -13.83 -25.72 7.37
N ASP A 101 -13.02 -26.77 7.30
CA ASP A 101 -12.52 -27.34 6.02
C ASP A 101 -13.65 -27.78 5.09
N PHE A 102 -14.87 -27.38 5.45
CA PHE A 102 -16.09 -27.80 4.78
C PHE A 102 -17.01 -26.63 4.40
N ILE A 103 -17.79 -26.14 5.38
CA ILE A 103 -18.84 -25.13 5.13
C ILE A 103 -18.84 -23.99 6.16
N ALA A 104 -19.89 -23.16 6.09
CA ALA A 104 -20.17 -22.11 7.08
C ALA A 104 -21.60 -21.59 6.86
N ARG A 105 -22.19 -20.94 7.88
CA ARG A 105 -23.56 -20.39 7.77
C ARG A 105 -23.76 -18.96 8.31
N GLY A 106 -24.84 -18.31 7.85
CA GLY A 106 -25.22 -16.94 8.24
C GLY A 106 -26.73 -16.78 8.49
N VAL A 107 -27.31 -15.67 8.02
CA VAL A 107 -28.79 -15.43 8.02
C VAL A 107 -29.34 -14.24 7.16
N THR A 108 -29.26 -12.99 7.68
CA THR A 108 -29.94 -11.82 7.05
C THR A 108 -29.20 -10.46 7.04
N ALA A 109 -29.13 -9.84 5.84
CA ALA A 109 -28.55 -8.50 5.56
C ALA A 109 -27.99 -8.37 4.11
N PRO A 110 -28.48 -7.39 3.33
CA PRO A 110 -28.13 -7.27 1.89
C PRO A 110 -26.90 -6.41 1.57
N ALA A 111 -25.90 -7.01 0.90
CA ALA A 111 -24.57 -6.38 0.68
C ALA A 111 -24.59 -5.08 -0.14
N LEU A 112 -25.16 -5.16 -1.33
CA LEU A 112 -25.32 -4.02 -2.24
C LEU A 112 -26.82 -3.69 -2.31
N PRO A 113 -27.19 -2.42 -2.10
CA PRO A 113 -28.60 -2.03 -2.10
C PRO A 113 -29.31 -2.23 -3.44
N ARG A 114 -30.50 -2.82 -3.40
CA ARG A 114 -31.28 -3.09 -4.61
C ARG A 114 -32.25 -1.95 -4.93
N ASP A 115 -32.46 -1.08 -3.95
CA ASP A 115 -33.38 0.05 -4.10
C ASP A 115 -32.78 1.26 -4.82
N LYS A 116 -31.45 1.42 -4.72
CA LYS A 116 -30.77 2.60 -5.29
C LYS A 116 -30.68 2.54 -6.81
N LYS A 117 -30.83 3.68 -7.46
CA LYS A 117 -30.80 3.78 -8.93
C LYS A 117 -29.48 4.30 -9.47
N TRP A 118 -28.86 3.54 -10.37
CA TRP A 118 -27.54 3.86 -10.90
C TRP A 118 -27.61 4.25 -12.36
N HIS A 119 -26.88 5.30 -12.70
CA HIS A 119 -26.79 5.72 -14.10
C HIS A 119 -25.83 4.78 -14.87
N PHE A 120 -26.38 4.11 -15.89
CA PHE A 120 -25.66 3.18 -16.74
C PHE A 120 -25.38 3.79 -18.09
N ILE A 121 -24.10 4.02 -18.41
CA ILE A 121 -23.72 4.42 -19.77
C ILE A 121 -23.22 3.20 -20.56
N PRO A 122 -23.94 2.82 -21.63
CA PRO A 122 -23.53 1.66 -22.40
C PRO A 122 -22.18 1.88 -23.09
N LYS A 123 -21.37 0.83 -23.15
CA LYS A 123 -20.05 0.92 -23.78
C LYS A 123 -19.86 -0.10 -24.89
N ALA A 124 -20.90 -0.88 -25.13
CA ALA A 124 -20.88 -1.91 -26.15
C ALA A 124 -22.21 -1.94 -26.91
N LYS A 125 -22.18 -2.40 -28.16
CA LYS A 125 -23.40 -2.50 -28.96
C LYS A 125 -23.83 -3.95 -29.27
N VAL A 126 -25.10 -4.10 -29.66
CA VAL A 126 -25.64 -5.39 -30.13
C VAL A 126 -24.77 -5.86 -31.30
N GLY A 127 -24.31 -7.11 -31.22
CA GLY A 127 -23.42 -7.65 -32.24
C GLY A 127 -21.95 -7.70 -31.87
N ASP A 128 -21.58 -7.12 -30.71
CA ASP A 128 -20.20 -7.14 -30.22
C ASP A 128 -19.82 -8.49 -29.62
N LYS A 129 -18.67 -9.01 -30.00
CA LYS A 129 -18.11 -10.18 -29.34
C LYS A 129 -17.46 -9.75 -28.01
N VAL A 130 -17.71 -10.51 -26.95
CA VAL A 130 -17.19 -10.17 -25.62
C VAL A 130 -16.59 -11.37 -24.92
N VAL A 131 -15.63 -11.11 -24.04
CA VAL A 131 -15.06 -12.16 -23.18
C VAL A 131 -15.15 -11.73 -21.71
N GLY A 132 -14.85 -12.63 -20.79
CA GLY A 132 -14.73 -12.26 -19.40
C GLY A 132 -13.90 -10.98 -19.25
N GLY A 133 -14.38 -10.06 -18.39
CA GLY A 133 -13.64 -8.83 -18.08
C GLY A 133 -13.86 -7.72 -19.08
N ASP A 134 -14.49 -8.01 -20.21
CA ASP A 134 -14.81 -6.94 -21.16
C ASP A 134 -15.75 -5.96 -20.51
N ILE A 135 -15.56 -4.70 -20.85
CA ILE A 135 -16.28 -3.61 -20.21
C ILE A 135 -17.45 -3.22 -21.08
N ILE A 136 -18.65 -3.49 -20.57
CA ILE A 136 -19.87 -3.30 -21.39
C ILE A 136 -20.60 -1.99 -21.09
N GLY A 137 -20.33 -1.43 -19.90
CA GLY A 137 -20.80 -0.09 -19.53
C GLY A 137 -19.97 0.64 -18.48
N GLU A 138 -20.35 1.89 -18.18
CA GLU A 138 -19.79 2.67 -17.07
C GLU A 138 -20.87 3.19 -16.11
N VAL A 139 -20.59 3.10 -14.81
CA VAL A 139 -21.49 3.67 -13.78
C VAL A 139 -20.75 4.68 -12.87
N PRO A 140 -21.05 5.99 -13.03
CA PRO A 140 -20.46 7.01 -12.13
C PRO A 140 -20.92 6.80 -10.69
N GLU A 141 -20.06 6.22 -9.85
CA GLU A 141 -20.49 5.69 -8.55
C GLU A 141 -20.32 6.65 -7.36
N THR A 142 -19.22 7.40 -7.39
CA THR A 142 -18.96 8.50 -6.45
C THR A 142 -18.39 9.62 -7.33
N SER A 143 -18.01 10.73 -6.73
CA SER A 143 -17.43 11.85 -7.49
C SER A 143 -15.97 11.56 -7.84
N ILE A 144 -15.40 10.50 -7.26
CA ILE A 144 -14.04 10.09 -7.58
C ILE A 144 -13.99 8.91 -8.60
N ILE A 145 -14.71 7.83 -8.30
CA ILE A 145 -14.57 6.58 -9.02
C ILE A 145 -15.72 6.32 -10.00
N VAL A 146 -15.39 6.17 -11.28
CA VAL A 146 -16.26 5.54 -12.26
C VAL A 146 -16.22 4.00 -12.08
N HIS A 147 -17.38 3.39 -11.84
CA HIS A 147 -17.47 1.94 -11.80
C HIS A 147 -17.52 1.37 -13.24
N LYS A 148 -16.69 0.35 -13.50
CA LYS A 148 -16.65 -0.29 -14.82
C LYS A 148 -17.46 -1.59 -14.76
N ILE A 149 -18.52 -1.67 -15.57
CA ILE A 149 -19.37 -2.88 -15.60
C ILE A 149 -18.75 -3.91 -16.52
N MET A 150 -18.33 -5.04 -15.95
CA MET A 150 -17.65 -6.09 -16.72
C MET A 150 -18.44 -7.42 -16.87
N VAL A 151 -18.22 -8.06 -18.01
CA VAL A 151 -18.66 -9.41 -18.21
C VAL A 151 -17.92 -10.29 -17.17
N PRO A 152 -18.69 -11.09 -16.39
CA PRO A 152 -18.07 -12.01 -15.46
C PRO A 152 -17.10 -12.99 -16.12
N PRO A 153 -16.07 -13.42 -15.36
CA PRO A 153 -15.15 -14.41 -15.87
C PRO A 153 -15.90 -15.70 -16.24
N GLY A 154 -15.53 -16.31 -17.38
CA GLY A 154 -16.20 -17.52 -17.85
C GLY A 154 -17.32 -17.30 -18.84
N ILE A 155 -17.81 -16.06 -18.93
CA ILE A 155 -18.85 -15.72 -19.89
C ILE A 155 -18.25 -15.06 -21.15
N GLU A 156 -18.58 -15.63 -22.30
CA GLU A 156 -18.13 -15.12 -23.59
C GLU A 156 -19.24 -15.33 -24.59
N GLY A 157 -19.22 -14.56 -25.66
CA GLY A 157 -20.15 -14.75 -26.75
C GLY A 157 -20.47 -13.46 -27.45
N GLU A 158 -21.64 -13.38 -28.06
CA GLU A 158 -22.11 -12.17 -28.73
C GLU A 158 -23.17 -11.48 -27.89
N ILE A 159 -23.05 -10.16 -27.82
CA ILE A 159 -24.05 -9.33 -27.18
C ILE A 159 -25.27 -9.27 -28.10
N VAL A 160 -26.38 -9.80 -27.61
CA VAL A 160 -27.62 -9.87 -28.39
C VAL A 160 -28.57 -8.77 -27.92
N GLU A 161 -28.33 -8.27 -26.71
CA GLU A 161 -29.16 -7.25 -26.08
C GLU A 161 -28.34 -6.48 -25.06
N ILE A 162 -28.57 -5.16 -25.00
CA ILE A 162 -27.93 -4.29 -24.01
C ILE A 162 -28.77 -3.03 -23.68
N ALA A 163 -28.85 -2.71 -22.38
CA ALA A 163 -29.60 -1.55 -21.89
C ALA A 163 -29.14 -0.25 -22.52
N GLU A 164 -30.10 0.59 -22.89
CA GLU A 164 -29.77 1.94 -23.33
C GLU A 164 -29.43 2.76 -22.10
N GLU A 165 -28.81 3.93 -22.30
CA GLU A 165 -28.41 4.77 -21.17
C GLU A 165 -29.64 5.20 -20.39
N GLY A 166 -29.63 4.92 -19.09
CA GLY A 166 -30.70 5.33 -18.20
C GLY A 166 -30.35 4.95 -16.78
N ASP A 167 -31.32 5.09 -15.88
CA ASP A 167 -31.11 4.79 -14.47
C ASP A 167 -31.70 3.44 -14.13
N TYR A 168 -30.95 2.63 -13.39
CA TYR A 168 -31.34 1.24 -13.14
C TYR A 168 -30.88 0.78 -11.76
N THR A 169 -31.66 -0.11 -11.16
CA THR A 169 -31.25 -0.76 -9.94
C THR A 169 -30.38 -1.96 -10.32
N ILE A 170 -29.61 -2.49 -9.37
CA ILE A 170 -28.57 -3.47 -9.72
C ILE A 170 -29.07 -4.86 -10.16
N GLU A 171 -30.35 -5.15 -9.89
CA GLU A 171 -30.98 -6.41 -10.32
C GLU A 171 -31.50 -6.38 -11.76
N GLU A 172 -31.64 -5.18 -12.32
CA GLU A 172 -32.08 -5.04 -13.70
C GLU A 172 -31.06 -5.68 -14.67
N VAL A 173 -31.55 -6.46 -15.62
CA VAL A 173 -30.67 -7.12 -16.57
C VAL A 173 -30.28 -6.07 -17.61
N ILE A 174 -29.00 -5.68 -17.61
CA ILE A 174 -28.56 -4.57 -18.47
C ILE A 174 -28.00 -5.03 -19.82
N ALA A 175 -27.73 -6.33 -19.93
CA ALA A 175 -27.31 -6.93 -21.18
C ALA A 175 -27.57 -8.43 -21.21
N LYS A 176 -27.55 -8.99 -22.41
CA LYS A 176 -27.68 -10.42 -22.61
C LYS A 176 -26.60 -10.91 -23.55
N VAL A 177 -25.93 -12.01 -23.19
CA VAL A 177 -24.90 -12.59 -24.09
C VAL A 177 -25.25 -14.01 -24.60
N LYS A 178 -25.26 -14.16 -25.92
CA LYS A 178 -25.35 -15.46 -26.56
C LYS A 178 -23.97 -16.12 -26.63
N THR A 179 -23.76 -17.12 -25.78
CA THR A 179 -22.52 -17.91 -25.81
C THR A 179 -22.36 -18.69 -27.13
N PRO A 180 -21.13 -19.21 -27.40
CA PRO A 180 -20.88 -19.95 -28.66
C PRO A 180 -21.80 -21.16 -28.92
N SER A 181 -22.30 -21.82 -27.87
CA SER A 181 -23.22 -22.95 -28.01
C SER A 181 -24.69 -22.51 -28.03
N GLY A 182 -24.94 -21.25 -27.68
CA GLY A 182 -26.23 -20.62 -27.90
C GLY A 182 -26.96 -20.30 -26.62
N GLU A 183 -26.42 -20.77 -25.50
CA GLU A 183 -26.97 -20.41 -24.20
C GLU A 183 -27.00 -18.88 -24.09
N ILE A 184 -28.12 -18.34 -23.62
CA ILE A 184 -28.24 -16.90 -23.43
C ILE A 184 -28.00 -16.52 -21.97
N LYS A 185 -26.92 -15.75 -21.74
CA LYS A 185 -26.51 -15.34 -20.39
C LYS A 185 -26.95 -13.91 -20.06
N GLU A 186 -27.57 -13.74 -18.90
CA GLU A 186 -28.12 -12.44 -18.48
C GLU A 186 -27.20 -11.66 -17.53
N LEU A 187 -26.86 -10.43 -17.92
CA LEU A 187 -25.84 -9.63 -17.19
C LEU A 187 -26.46 -8.42 -16.50
N LYS A 188 -26.15 -8.34 -15.21
CA LYS A 188 -26.52 -7.26 -14.30
C LYS A 188 -25.29 -6.38 -14.02
N MET A 189 -25.49 -5.32 -13.24
CA MET A 189 -24.43 -4.39 -12.89
C MET A 189 -23.49 -4.93 -11.81
N TYR A 190 -23.85 -6.07 -11.25
CA TYR A 190 -23.02 -6.70 -10.23
C TYR A 190 -22.78 -8.16 -10.60
N GLN A 191 -21.92 -8.83 -9.84
CA GLN A 191 -21.58 -10.21 -10.08
C GLN A 191 -21.21 -10.80 -8.74
N ARG A 192 -21.12 -12.12 -8.67
CA ARG A 192 -20.78 -12.78 -7.42
C ARG A 192 -19.50 -13.55 -7.64
N TRP A 193 -18.69 -13.69 -6.58
CA TRP A 193 -17.46 -14.42 -6.74
C TRP A 193 -17.12 -15.07 -5.43
N PRO A 194 -16.66 -16.34 -5.47
CA PRO A 194 -16.18 -16.97 -4.25
C PRO A 194 -14.88 -16.32 -3.72
N VAL A 195 -14.97 -15.79 -2.49
CA VAL A 195 -13.88 -15.06 -1.87
C VAL A 195 -12.62 -15.90 -1.77
N ARG A 196 -12.77 -17.21 -1.86
CA ARG A 196 -11.65 -18.13 -1.60
C ARG A 196 -10.92 -18.57 -2.86
N VAL A 197 -11.42 -18.14 -4.01
CA VAL A 197 -10.77 -18.39 -5.30
C VAL A 197 -10.29 -17.05 -5.89
N LYS A 198 -9.00 -16.98 -6.20
CA LYS A 198 -8.45 -15.75 -6.80
C LYS A 198 -9.16 -15.43 -8.09
N ARG A 199 -9.63 -14.20 -8.25
CA ARG A 199 -10.22 -13.84 -9.54
C ARG A 199 -9.13 -14.01 -10.63
N PRO A 200 -9.48 -14.58 -11.81
CA PRO A 200 -8.48 -14.83 -12.84
C PRO A 200 -8.08 -13.60 -13.64
N TYR A 201 -6.94 -13.73 -14.30
CA TYR A 201 -6.34 -12.65 -15.10
C TYR A 201 -5.52 -13.32 -16.18
N LYS A 202 -5.05 -12.54 -17.16
CA LYS A 202 -4.25 -13.08 -18.27
C LYS A 202 -2.84 -13.42 -17.84
N GLU A 203 -2.13 -12.44 -17.29
CA GLU A 203 -0.75 -12.61 -16.87
C GLU A 203 -0.45 -11.74 -15.63
N LYS A 204 0.24 -12.32 -14.65
CA LYS A 204 0.83 -11.57 -13.55
C LYS A 204 2.19 -10.97 -13.98
N LEU A 205 2.24 -9.66 -14.12
CA LEU A 205 3.44 -8.96 -14.56
C LEU A 205 4.55 -8.91 -13.48
N PRO A 206 5.83 -8.93 -13.88
CA PRO A 206 6.90 -8.80 -12.87
C PRO A 206 6.87 -7.44 -12.15
N PRO A 207 7.31 -7.38 -10.89
CA PRO A 207 7.39 -6.08 -10.23
C PRO A 207 8.15 -5.06 -11.06
N GLU A 208 7.60 -3.87 -11.27
CA GLU A 208 8.22 -2.93 -12.22
C GLU A 208 7.98 -1.45 -11.97
N VAL A 209 6.78 -1.13 -11.50
CA VAL A 209 6.35 0.24 -11.35
C VAL A 209 6.20 0.44 -9.84
N PRO A 210 6.87 1.47 -9.28
CA PRO A 210 6.74 1.70 -7.82
C PRO A 210 5.36 2.20 -7.48
N LEU A 211 4.87 1.81 -6.30
CA LEU A 211 3.71 2.46 -5.73
C LEU A 211 4.27 3.71 -5.03
N ILE A 212 3.99 4.87 -5.61
CA ILE A 212 4.51 6.12 -5.09
C ILE A 212 3.68 6.65 -3.92
N THR A 213 4.38 6.85 -2.82
CA THR A 213 3.81 7.02 -1.51
C THR A 213 3.99 8.52 -1.19
N GLY A 214 4.97 9.16 -1.83
CA GLY A 214 5.35 10.54 -1.48
C GLY A 214 6.08 10.69 -0.15
N GLN A 215 6.41 9.55 0.46
CA GLN A 215 7.19 9.49 1.69
C GLN A 215 8.61 9.08 1.35
N ARG A 216 9.56 9.98 1.62
CA ARG A 216 10.91 9.92 1.07
C ARG A 216 11.61 8.63 1.45
N VAL A 217 11.48 8.23 2.71
CA VAL A 217 12.25 7.09 3.20
C VAL A 217 11.80 5.82 2.50
N ILE A 218 10.50 5.72 2.25
CA ILE A 218 9.88 4.57 1.62
C ILE A 218 10.21 4.56 0.13
N ASP A 219 9.83 5.63 -0.57
CA ASP A 219 10.06 5.69 -2.01
C ASP A 219 11.51 5.54 -2.41
N THR A 220 12.42 6.05 -1.58
CA THR A 220 13.83 6.07 -1.90
C THR A 220 14.51 4.77 -1.50
N PHE A 221 14.37 4.39 -0.24
CA PHE A 221 15.15 3.29 0.32
C PHE A 221 14.40 1.96 0.42
N PHE A 222 13.08 2.03 0.64
CA PHE A 222 12.30 0.81 0.90
C PHE A 222 11.02 0.74 0.04
N PRO A 223 11.18 0.87 -1.28
CA PRO A 223 10.06 1.00 -2.18
C PRO A 223 9.11 -0.21 -2.23
N GLN A 224 7.86 0.12 -2.38
CA GLN A 224 6.81 -0.81 -2.67
C GLN A 224 6.56 -0.75 -4.19
N ALA A 225 6.53 -1.92 -4.83
CA ALA A 225 6.07 -2.00 -6.22
C ALA A 225 4.54 -2.05 -6.29
N LYS A 226 3.94 -1.43 -7.29
CA LYS A 226 2.54 -1.73 -7.54
C LYS A 226 2.40 -3.24 -7.77
N GLY A 227 1.55 -3.89 -6.95
CA GLY A 227 1.37 -5.33 -6.97
C GLY A 227 2.22 -6.03 -5.96
N GLY A 228 2.98 -5.26 -5.15
CA GLY A 228 3.89 -5.80 -4.16
C GLY A 228 3.25 -6.11 -2.82
N THR A 229 4.04 -6.72 -1.94
CA THR A 229 3.62 -7.07 -0.61
C THR A 229 4.55 -6.40 0.40
N ALA A 230 3.94 -5.71 1.36
CA ALA A 230 4.71 -4.98 2.39
C ALA A 230 4.15 -5.30 3.76
N ALA A 231 5.01 -5.31 4.76
CA ALA A 231 4.56 -5.41 6.10
C ALA A 231 5.09 -4.22 6.94
N ILE A 232 4.30 -3.87 7.95
CA ILE A 232 4.61 -2.78 8.88
C ILE A 232 4.18 -3.19 10.31
N PRO A 233 4.94 -2.81 11.37
CA PRO A 233 4.50 -3.18 12.70
C PRO A 233 3.14 -2.61 13.12
N GLY A 234 2.46 -3.40 13.95
CA GLY A 234 1.67 -2.88 15.07
C GLY A 234 0.30 -2.57 14.54
N PRO A 235 -0.62 -2.15 15.42
CA PRO A 235 -1.98 -1.79 14.96
C PRO A 235 -1.97 -0.47 14.18
N PHE A 236 -2.83 -0.37 13.17
CA PHE A 236 -2.97 0.84 12.39
C PHE A 236 -3.52 2.00 13.22
N GLY A 237 -4.22 1.66 14.30
CA GLY A 237 -4.83 2.63 15.20
C GLY A 237 -3.83 3.17 16.19
N SER A 238 -2.62 2.62 16.20
CA SER A 238 -1.55 3.15 17.06
C SER A 238 -1.38 4.66 16.82
N GLY A 239 -1.39 5.40 17.93
CA GLY A 239 -1.26 6.85 17.88
C GLY A 239 0.19 7.28 17.93
N LYS A 240 1.10 6.30 18.04
CA LYS A 240 2.54 6.54 18.10
C LYS A 240 3.12 6.94 16.74
N THR A 241 2.35 6.64 15.69
CA THR A 241 2.76 6.68 14.28
C THR A 241 1.62 7.28 13.45
N VAL A 242 1.95 7.81 12.26
CA VAL A 242 0.93 8.30 11.29
C VAL A 242 1.21 7.88 9.83
N THR A 243 2.27 7.09 9.63
CA THR A 243 2.59 6.63 8.26
C THR A 243 1.54 5.72 7.65
N GLN A 244 0.87 4.91 8.48
CA GLN A 244 -0.26 4.08 8.07
C GLN A 244 -1.24 4.95 7.33
N HIS A 245 -1.59 6.09 7.93
CA HIS A 245 -2.54 7.04 7.32
C HIS A 245 -1.98 7.78 6.12
N GLN A 246 -0.68 8.11 6.14
CA GLN A 246 -0.03 8.74 4.97
C GLN A 246 -0.10 7.80 3.75
N LEU A 247 0.19 6.53 4.00
CA LEU A 247 0.13 5.50 2.97
C LEU A 247 -1.26 5.39 2.35
N ALA A 248 -2.29 5.31 3.21
CA ALA A 248 -3.69 5.24 2.75
C ALA A 248 -4.10 6.39 1.86
N LYS A 249 -3.73 7.61 2.25
CA LYS A 249 -4.21 8.78 1.51
C LYS A 249 -3.32 9.25 0.37
N TRP A 250 -2.02 8.94 0.45
CA TRP A 250 -1.12 9.47 -0.59
C TRP A 250 -0.64 8.48 -1.69
N SER A 251 -0.62 7.18 -1.41
CA SER A 251 -0.21 6.20 -2.42
C SER A 251 -0.96 6.41 -3.74
N ASP A 252 -0.30 6.19 -4.88
CA ASP A 252 -1.03 6.39 -6.15
C ASP A 252 -1.84 5.16 -6.59
N ALA A 253 -2.70 4.71 -5.70
CA ALA A 253 -3.74 3.72 -5.98
C ALA A 253 -4.99 4.54 -6.07
N GLN A 254 -5.88 4.19 -6.98
CA GLN A 254 -7.16 4.91 -7.12
C GLN A 254 -8.13 4.47 -6.05
N VAL A 255 -7.94 3.27 -5.52
CA VAL A 255 -8.92 2.71 -4.61
C VAL A 255 -8.14 2.07 -3.49
N VAL A 256 -8.68 2.19 -2.29
CA VAL A 256 -8.12 1.64 -1.08
C VAL A 256 -9.17 0.69 -0.49
N ILE A 257 -8.74 -0.51 -0.11
CA ILE A 257 -9.57 -1.44 0.61
C ILE A 257 -8.90 -1.57 1.96
N TYR A 258 -9.60 -1.13 2.99
CA TYR A 258 -9.03 -1.08 4.32
C TYR A 258 -9.71 -2.04 5.27
N ILE A 259 -8.96 -2.97 5.81
CA ILE A 259 -9.49 -3.90 6.76
C ILE A 259 -9.03 -3.45 8.15
N GLY A 260 -9.72 -2.44 8.65
CA GLY A 260 -9.62 -1.97 10.03
C GLY A 260 -10.02 -3.09 10.94
N CYS A 261 -9.04 -3.90 11.27
CA CYS A 261 -9.19 -5.09 12.05
C CYS A 261 -8.68 -4.78 13.45
N GLY A 262 -8.22 -5.79 14.17
CA GLY A 262 -7.77 -5.66 15.57
C GLY A 262 -8.42 -4.51 16.33
N GLU A 263 -9.74 -4.37 16.16
CA GLU A 263 -10.49 -3.26 16.73
C GLU A 263 -11.03 -3.59 18.13
N ARG A 264 -10.63 -2.78 19.10
CA ARG A 264 -11.17 -2.79 20.48
C ARG A 264 -11.05 -1.39 21.12
N GLY A 265 -12.07 -1.00 21.89
CA GLY A 265 -12.13 0.34 22.49
C GLY A 265 -12.67 1.37 21.50
N ASN A 266 -11.95 2.49 21.36
CA ASN A 266 -12.29 3.55 20.40
C ASN A 266 -12.05 3.12 18.95
N GLU A 267 -11.30 2.04 18.78
CA GLU A 267 -10.88 1.53 17.47
C GLU A 267 -12.04 1.32 16.48
N MET A 268 -13.24 1.08 17.00
CA MET A 268 -14.43 0.94 16.14
C MET A 268 -15.38 2.14 16.16
N THR A 269 -15.10 3.13 17.02
CA THR A 269 -15.96 4.31 17.20
C THR A 269 -15.38 5.56 16.53
N ASP A 270 -14.07 5.76 16.68
CA ASP A 270 -13.41 6.89 16.06
C ASP A 270 -13.10 6.58 14.59
N VAL A 271 -13.07 5.29 14.25
CA VAL A 271 -12.93 4.87 12.86
C VAL A 271 -14.29 5.02 12.13
N LEU A 272 -15.34 5.28 12.90
CA LEU A 272 -16.72 5.38 12.39
C LEU A 272 -17.12 6.78 11.91
N GLU A 273 -16.88 7.80 12.74
CA GLU A 273 -17.30 9.15 12.38
C GLU A 273 -16.18 10.15 12.09
N GLU A 274 -15.03 9.64 11.65
CA GLU A 274 -13.95 10.48 11.15
C GLU A 274 -13.68 10.21 9.68
N PHE A 275 -13.86 8.96 9.27
CA PHE A 275 -13.68 8.58 7.87
C PHE A 275 -14.62 9.30 6.87
N PRO A 276 -15.89 9.55 7.27
CA PRO A 276 -16.73 10.47 6.47
C PRO A 276 -16.25 11.92 6.49
N LYS A 277 -15.61 12.33 7.60
CA LYS A 277 -15.00 13.66 7.73
C LYS A 277 -13.62 13.73 7.05
N LEU A 278 -13.07 12.56 6.75
CA LEU A 278 -11.73 12.44 6.14
C LEU A 278 -11.73 12.93 4.70
N LYS A 279 -10.69 13.69 4.36
CA LYS A 279 -10.54 14.25 3.02
C LYS A 279 -9.48 13.51 2.22
N ASP A 280 -9.76 13.37 0.92
CA ASP A 280 -8.82 12.81 -0.03
C ASP A 280 -8.01 13.99 -0.52
N PRO A 281 -6.70 14.02 -0.18
CA PRO A 281 -5.89 15.22 -0.37
C PRO A 281 -5.71 15.58 -1.84
N LYS A 282 -5.83 14.57 -2.69
CA LYS A 282 -5.69 14.74 -4.15
C LYS A 282 -6.88 15.44 -4.79
N THR A 283 -8.05 15.37 -4.13
CA THR A 283 -9.31 15.83 -4.75
C THR A 283 -10.23 16.65 -3.84
N GLY A 284 -9.81 16.90 -2.61
CA GLY A 284 -10.66 17.61 -1.66
C GLY A 284 -11.86 16.82 -1.16
N LYS A 285 -12.40 15.94 -2.01
CA LYS A 285 -13.55 15.07 -1.68
C LYS A 285 -13.24 14.06 -0.56
N PRO A 286 -14.27 13.45 0.06
CA PRO A 286 -13.94 12.49 1.14
C PRO A 286 -13.22 11.23 0.66
N LEU A 287 -12.29 10.74 1.48
CA LEU A 287 -11.48 9.56 1.19
C LEU A 287 -12.32 8.30 1.03
N MET A 288 -13.46 8.29 1.72
CA MET A 288 -14.45 7.20 1.71
C MET A 288 -15.04 6.95 0.32
N GLU A 289 -15.07 8.00 -0.48
CA GLU A 289 -15.53 7.90 -1.85
C GLU A 289 -14.61 7.07 -2.80
N ARG A 290 -13.52 6.51 -2.27
CA ARG A 290 -12.61 5.62 -3.02
C ARG A 290 -12.08 4.55 -2.09
N THR A 291 -12.86 4.28 -1.05
CA THR A 291 -12.50 3.31 -0.04
C THR A 291 -13.67 2.36 0.22
N VAL A 292 -13.34 1.14 0.65
CA VAL A 292 -14.30 0.17 1.13
C VAL A 292 -13.71 -0.25 2.45
N LEU A 293 -14.46 -0.04 3.53
CA LEU A 293 -14.04 -0.43 4.88
C LEU A 293 -14.54 -1.81 5.21
N ILE A 294 -13.67 -2.61 5.81
CA ILE A 294 -14.04 -3.91 6.32
C ILE A 294 -13.64 -3.95 7.79
N ALA A 295 -14.66 -4.10 8.64
CA ALA A 295 -14.52 -3.99 10.10
C ALA A 295 -14.27 -5.34 10.68
N ASN A 296 -13.37 -5.40 11.65
CA ASN A 296 -13.16 -6.60 12.46
C ASN A 296 -13.20 -6.22 13.93
N THR A 297 -14.41 -6.02 14.46
CA THR A 297 -14.57 -5.68 15.85
C THR A 297 -14.45 -6.92 16.74
N SER A 298 -14.13 -6.68 18.00
CA SER A 298 -13.92 -7.76 18.98
C SER A 298 -15.20 -8.58 19.29
N ASN A 299 -16.36 -7.97 19.08
CA ASN A 299 -17.67 -8.65 19.21
C ASN A 299 -18.15 -9.37 17.94
N MET A 300 -17.23 -9.67 17.04
CA MET A 300 -17.55 -10.43 15.83
C MET A 300 -17.05 -11.86 15.96
N PRO A 301 -17.75 -12.82 15.32
CA PRO A 301 -17.29 -14.20 15.33
C PRO A 301 -15.92 -14.37 14.68
N VAL A 302 -15.07 -15.12 15.35
CA VAL A 302 -13.70 -15.39 14.91
C VAL A 302 -13.62 -15.99 13.48
N ALA A 303 -14.76 -16.41 12.94
CA ALA A 303 -14.81 -16.98 11.59
C ALA A 303 -15.02 -15.91 10.50
N ALA A 304 -15.84 -14.91 10.81
CA ALA A 304 -16.04 -13.76 9.90
C ALA A 304 -14.80 -12.87 9.87
N ARG A 305 -14.08 -12.81 10.99
CA ARG A 305 -12.83 -12.07 11.08
C ARG A 305 -11.75 -12.75 10.24
N GLU A 306 -11.65 -14.06 10.36
CA GLU A 306 -10.74 -14.86 9.55
C GLU A 306 -10.98 -14.60 8.06
N ALA A 307 -12.26 -14.55 7.68
CA ALA A 307 -12.66 -14.53 6.28
C ALA A 307 -12.53 -13.12 5.65
N SER A 308 -12.30 -12.13 6.50
CA SER A 308 -12.34 -10.70 6.12
C SER A 308 -11.26 -10.31 5.10
N ILE A 309 -10.06 -10.86 5.26
CA ILE A 309 -8.95 -10.53 4.36
C ILE A 309 -9.18 -11.15 2.97
N TYR A 310 -9.97 -12.23 2.94
CA TYR A 310 -10.35 -12.89 1.71
C TYR A 310 -11.42 -12.14 0.97
N THR A 311 -12.38 -11.61 1.72
CA THR A 311 -13.41 -10.71 1.20
C THR A 311 -12.80 -9.41 0.70
N GLY A 312 -11.87 -8.85 1.48
CA GLY A 312 -11.13 -7.64 1.10
C GLY A 312 -10.32 -7.79 -0.18
N ILE A 313 -9.51 -8.85 -0.26
CA ILE A 313 -8.68 -9.06 -1.45
C ILE A 313 -9.47 -9.41 -2.70
N THR A 314 -10.59 -10.13 -2.54
CA THR A 314 -11.52 -10.34 -3.67
C THR A 314 -12.09 -9.02 -4.16
N ILE A 315 -12.46 -8.14 -3.24
CA ILE A 315 -12.98 -6.83 -3.66
C ILE A 315 -11.85 -5.99 -4.34
N ALA A 316 -10.64 -6.11 -3.80
CA ALA A 316 -9.44 -5.46 -4.39
C ALA A 316 -9.24 -5.95 -5.82
N GLU A 317 -9.17 -7.28 -6.00
CA GLU A 317 -9.04 -7.91 -7.33
C GLU A 317 -10.11 -7.49 -8.29
N TYR A 318 -11.32 -7.29 -7.80
CA TYR A 318 -12.42 -6.76 -8.62
C TYR A 318 -12.17 -5.36 -9.18
N PHE A 319 -11.67 -4.44 -8.35
CA PHE A 319 -11.27 -3.11 -8.89
C PHE A 319 -9.98 -3.14 -9.76
N ARG A 320 -9.00 -3.94 -9.36
CA ARG A 320 -7.87 -4.28 -10.24
C ARG A 320 -8.33 -4.65 -11.69
N ASP A 321 -9.28 -5.60 -11.79
CA ASP A 321 -9.84 -6.07 -13.07
C ASP A 321 -10.39 -4.97 -13.96
N MET A 322 -10.78 -3.84 -13.39
CA MET A 322 -11.25 -2.69 -14.21
C MET A 322 -10.10 -1.83 -14.79
N GLY A 323 -8.87 -2.10 -14.38
CA GLY A 323 -7.77 -1.24 -14.78
C GLY A 323 -7.29 -0.29 -13.69
N TYR A 324 -7.74 -0.49 -12.45
CA TYR A 324 -7.32 0.34 -11.32
C TYR A 324 -6.14 -0.24 -10.59
N ASP A 325 -5.35 0.66 -10.03
CA ASP A 325 -4.40 0.31 -9.00
C ASP A 325 -5.09 0.43 -7.65
N VAL A 326 -4.99 -0.64 -6.87
CA VAL A 326 -5.67 -0.66 -5.61
C VAL A 326 -4.71 -1.05 -4.55
N ALA A 327 -4.89 -0.43 -3.38
CA ALA A 327 -4.06 -0.70 -2.20
C ALA A 327 -4.91 -1.42 -1.18
N LEU A 328 -4.44 -2.58 -0.72
CA LEU A 328 -5.16 -3.30 0.28
C LEU A 328 -4.34 -3.21 1.57
N MET A 329 -4.95 -2.64 2.60
CA MET A 329 -4.32 -2.48 3.91
C MET A 329 -5.04 -3.31 4.97
N ALA A 330 -4.33 -4.25 5.56
CA ALA A 330 -4.89 -5.23 6.48
C ALA A 330 -4.32 -5.03 7.88
N ASP A 331 -5.21 -4.74 8.82
CA ASP A 331 -4.86 -4.50 10.21
C ASP A 331 -4.73 -5.81 10.98
N SER A 332 -4.09 -5.77 12.14
CA SER A 332 -3.85 -6.95 12.95
C SER A 332 -3.51 -6.56 14.39
N THR A 333 -3.91 -7.40 15.34
CA THR A 333 -3.64 -7.16 16.78
C THR A 333 -3.04 -8.41 17.44
N SER A 334 -3.33 -8.65 18.73
CA SER A 334 -2.61 -9.68 19.49
C SER A 334 -3.37 -11.00 19.75
N ARG A 335 -2.63 -12.11 19.63
CA ARG A 335 -3.03 -13.47 20.09
C ARG A 335 -4.18 -14.21 19.39
N TRP A 336 -4.29 -14.07 18.06
CA TRP A 336 -5.27 -14.82 17.26
C TRP A 336 -5.14 -16.34 17.49
N ALA A 337 -3.91 -16.84 17.34
CA ALA A 337 -3.63 -18.28 17.42
C ALA A 337 -3.13 -18.72 18.81
N GLU A 338 -4.08 -18.82 19.74
CA GLU A 338 -3.95 -19.72 20.87
C GLU A 338 -4.97 -20.84 20.65
N ALA A 339 -5.90 -20.59 19.73
CA ALA A 339 -6.86 -21.60 19.23
C ALA A 339 -6.20 -22.49 18.16
N LEU A 340 -5.13 -23.17 18.58
CA LEU A 340 -4.31 -24.02 17.71
C LEU A 340 -4.41 -25.50 18.12
N ARG A 341 -3.95 -25.81 19.34
CA ARG A 341 -3.98 -27.17 19.95
C ARG A 341 -3.45 -28.29 19.03
N ARG A 346 4.81 -31.04 13.22
CA ARG A 346 3.59 -31.30 12.46
C ARG A 346 2.38 -31.47 13.40
N LEU A 347 2.11 -32.73 13.77
CA LEU A 347 0.97 -33.14 14.62
C LEU A 347 -0.43 -32.70 14.20
N GLU A 348 -1.10 -33.58 13.46
CA GLU A 348 -2.54 -33.52 13.22
C GLU A 348 -3.18 -34.90 13.38
N GLU A 349 -3.81 -35.09 14.54
CA GLU A 349 -4.34 -36.38 14.95
C GLU A 349 -5.71 -36.68 14.31
N MET A 350 -6.50 -35.63 14.11
CA MET A 350 -7.85 -35.77 13.56
C MET A 350 -8.16 -34.84 12.36
N PRO A 351 -7.35 -34.91 11.28
CA PRO A 351 -7.46 -33.94 10.18
C PRO A 351 -8.41 -34.34 9.01
N GLY A 352 -8.66 -33.38 8.12
CA GLY A 352 -9.39 -33.61 6.87
C GLY A 352 -8.73 -32.89 5.70
N GLU A 353 -9.19 -31.67 5.42
CA GLU A 353 -8.60 -30.80 4.40
C GLU A 353 -7.81 -29.65 5.06
N GLU A 354 -7.22 -29.94 6.20
CA GLU A 354 -6.53 -28.97 7.04
C GLU A 354 -5.38 -29.63 7.83
N GLY A 355 -4.36 -30.12 7.12
CA GLY A 355 -3.21 -30.76 7.78
C GLY A 355 -2.41 -29.70 8.50
N TYR A 356 -2.61 -29.60 9.82
CA TYR A 356 -2.46 -28.34 10.59
C TYR A 356 -1.21 -28.16 11.48
N PRO A 357 0.01 -28.23 10.92
CA PRO A 357 1.10 -27.73 11.75
C PRO A 357 1.21 -26.21 11.60
N ALA A 358 2.23 -25.77 10.85
CA ALA A 358 2.25 -24.43 10.29
C ALA A 358 1.65 -24.53 8.88
N TYR A 359 0.44 -25.05 8.82
CA TYR A 359 -0.34 -25.16 7.59
C TYR A 359 -0.89 -23.79 7.29
N LEU A 360 -1.16 -23.07 8.37
CA LEU A 360 -1.65 -21.69 8.33
C LEU A 360 -0.60 -20.80 7.67
N ALA A 361 0.68 -21.05 7.98
CA ALA A 361 1.83 -20.39 7.36
C ALA A 361 1.85 -20.49 5.82
N SER A 362 1.40 -21.63 5.30
CA SER A 362 1.28 -21.85 3.86
C SER A 362 0.05 -21.14 3.30
N LYS A 363 -0.99 -21.05 4.13
CA LYS A 363 -2.24 -20.39 3.75
C LYS A 363 -2.12 -18.87 3.73
N LEU A 364 -1.25 -18.34 4.59
CA LEU A 364 -0.95 -16.92 4.63
C LEU A 364 -0.19 -16.55 3.36
N ALA A 365 0.76 -17.40 2.98
CA ALA A 365 1.54 -17.22 1.76
C ALA A 365 0.60 -17.09 0.58
N GLU A 366 -0.40 -17.97 0.57
CA GLU A 366 -1.41 -18.02 -0.48
C GLU A 366 -2.17 -16.72 -0.63
N PHE A 367 -2.57 -16.13 0.50
CA PHE A 367 -3.26 -14.82 0.54
C PHE A 367 -2.39 -13.70 -0.07
N TYR A 368 -1.15 -13.62 0.41
CA TYR A 368 -0.17 -12.63 -0.06
C TYR A 368 0.21 -12.90 -1.52
N GLU A 369 0.11 -14.16 -1.94
CA GLU A 369 0.30 -14.58 -3.34
C GLU A 369 -0.77 -14.00 -4.27
N ARG A 370 -1.86 -13.51 -3.69
CA ARG A 370 -2.92 -12.90 -4.50
C ARG A 370 -2.69 -11.43 -4.85
N ALA A 371 -1.66 -10.82 -4.25
CA ALA A 371 -1.25 -9.49 -4.65
C ALA A 371 -0.58 -9.55 -6.02
N GLY A 372 -0.78 -8.55 -6.85
CA GLY A 372 0.04 -8.47 -8.08
C GLY A 372 -0.49 -7.45 -9.05
N ARG A 373 0.37 -7.02 -9.98
CA ARG A 373 -0.04 -6.20 -11.12
C ARG A 373 -0.26 -7.19 -12.27
N VAL A 374 -1.39 -7.07 -12.97
CA VAL A 374 -1.78 -8.09 -13.95
C VAL A 374 -2.25 -7.45 -15.23
N VAL A 375 -2.07 -8.16 -16.35
CA VAL A 375 -2.87 -7.90 -17.55
C VAL A 375 -4.22 -8.55 -17.21
N THR A 376 -5.28 -7.79 -17.28
CA THR A 376 -6.54 -8.28 -16.78
C THR A 376 -7.25 -9.07 -17.93
N LEU A 377 -8.30 -9.83 -17.55
CA LEU A 377 -9.21 -10.40 -18.55
C LEU A 377 -9.86 -9.26 -19.30
N GLY A 378 -10.21 -9.50 -20.56
CA GLY A 378 -10.85 -8.49 -21.38
C GLY A 378 -10.17 -8.59 -22.72
N SER A 379 -10.75 -7.95 -23.72
CA SER A 379 -10.27 -8.09 -25.07
C SER A 379 -9.35 -6.91 -25.47
N ASP A 380 -9.43 -5.83 -24.70
CA ASP A 380 -8.42 -4.76 -24.69
C ASP A 380 -7.25 -5.12 -23.75
N TYR A 381 -6.04 -4.71 -24.13
CA TYR A 381 -4.89 -4.82 -23.22
C TYR A 381 -5.12 -3.84 -22.07
N ARG A 382 -5.17 -4.36 -20.86
CA ARG A 382 -5.58 -3.57 -19.70
C ARG A 382 -4.78 -4.05 -18.53
N VAL A 383 -4.24 -3.13 -17.75
CA VAL A 383 -3.42 -3.47 -16.55
C VAL A 383 -4.06 -2.88 -15.31
N GLY A 384 -4.03 -3.64 -14.21
CA GLY A 384 -4.52 -3.16 -12.92
C GLY A 384 -3.65 -3.86 -11.89
N SER A 385 -3.71 -3.43 -10.62
CA SER A 385 -2.92 -4.08 -9.55
C SER A 385 -3.62 -4.08 -8.19
N VAL A 386 -3.16 -4.99 -7.34
CA VAL A 386 -3.45 -4.97 -5.93
C VAL A 386 -2.12 -5.01 -5.18
N SER A 387 -1.82 -3.92 -4.45
CA SER A 387 -0.65 -3.92 -3.56
C SER A 387 -1.13 -4.13 -2.14
N VAL A 388 -0.42 -4.98 -1.42
CA VAL A 388 -0.80 -5.34 -0.07
C VAL A 388 0.15 -4.77 0.98
N ILE A 389 -0.43 -4.04 1.95
CA ILE A 389 0.29 -3.62 3.17
C ILE A 389 -0.32 -4.29 4.40
N GLY A 390 0.36 -5.25 4.99
CA GLY A 390 -0.14 -5.92 6.18
C GLY A 390 0.48 -5.44 7.50
N ALA A 391 -0.37 -5.08 8.46
CA ALA A 391 0.05 -4.87 9.87
C ALA A 391 0.49 -6.18 10.54
N VAL A 392 1.49 -6.05 11.38
CA VAL A 392 2.04 -7.17 12.10
C VAL A 392 2.18 -6.74 13.56
N SER A 393 1.36 -7.32 14.43
CA SER A 393 1.37 -7.07 15.88
C SER A 393 1.52 -8.40 16.62
N PRO A 394 2.75 -8.75 17.03
CA PRO A 394 3.06 -10.00 17.72
C PRO A 394 2.45 -10.05 19.13
N PRO A 395 2.03 -11.25 19.60
CA PRO A 395 1.51 -11.54 20.94
C PRO A 395 2.09 -10.69 22.09
N GLY A 396 3.42 -10.60 22.17
CA GLY A 396 4.05 -9.78 23.22
C GLY A 396 4.79 -8.58 22.66
N GLY A 397 4.69 -8.38 21.35
CA GLY A 397 5.45 -7.35 20.67
C GLY A 397 6.92 -7.68 20.63
N ASP A 398 7.25 -8.97 20.63
CA ASP A 398 8.65 -9.42 20.61
C ASP A 398 9.16 -9.90 19.23
N PHE A 399 8.29 -9.86 18.23
CA PHE A 399 8.68 -9.99 16.81
C PHE A 399 9.57 -11.19 16.48
N SER A 400 9.43 -12.26 17.27
CA SER A 400 10.15 -13.52 17.06
C SER A 400 9.13 -14.63 16.81
N GLU A 401 7.93 -14.43 17.33
CA GLU A 401 6.84 -15.40 17.30
C GLU A 401 6.26 -15.57 15.89
N PRO A 402 5.30 -16.52 15.73
CA PRO A 402 4.72 -16.92 14.44
C PRO A 402 4.29 -15.78 13.52
N VAL A 403 3.32 -14.97 13.95
CA VAL A 403 2.75 -13.87 13.15
C VAL A 403 3.80 -13.10 12.34
N VAL A 404 4.90 -12.71 13.00
CA VAL A 404 5.96 -11.95 12.35
C VAL A 404 6.81 -12.82 11.42
N GLN A 405 7.35 -13.92 11.93
CA GLN A 405 8.19 -14.83 11.15
C GLN A 405 7.48 -15.38 9.89
N ASN A 406 6.20 -15.71 10.03
CA ASN A 406 5.39 -16.19 8.91
C ASN A 406 5.07 -15.13 7.86
N THR A 407 4.89 -13.89 8.32
CA THR A 407 4.66 -12.77 7.41
C THR A 407 5.96 -12.37 6.72
N LEU A 408 7.05 -12.30 7.47
CA LEU A 408 8.32 -11.81 6.95
C LEU A 408 9.01 -12.76 5.96
N ARG A 409 8.44 -13.95 5.83
CA ARG A 409 8.95 -14.94 4.91
C ARG A 409 8.32 -14.75 3.54
N VAL A 410 7.17 -14.10 3.52
CA VAL A 410 6.40 -13.94 2.30
C VAL A 410 6.51 -12.54 1.69
N VAL A 411 6.51 -11.52 2.53
CA VAL A 411 6.50 -10.14 2.07
C VAL A 411 7.87 -9.70 1.53
N LYS A 412 7.83 -8.80 0.56
CA LYS A 412 9.04 -8.33 -0.09
C LYS A 412 9.54 -7.00 0.50
N VAL A 413 8.69 -6.36 1.30
CA VAL A 413 9.03 -5.08 1.94
C VAL A 413 8.67 -5.10 3.43
N PHE A 414 9.60 -4.70 4.29
CA PHE A 414 9.31 -4.46 5.69
C PHE A 414 9.71 -3.04 6.11
N TRP A 415 8.73 -2.27 6.58
CA TRP A 415 8.98 -0.97 7.14
C TRP A 415 9.00 -1.05 8.66
N ALA A 416 10.20 -1.11 9.22
CA ALA A 416 10.38 -1.37 10.65
C ALA A 416 10.14 -0.10 11.47
N LEU A 417 8.87 0.18 11.75
CA LEU A 417 8.48 1.22 12.71
C LEU A 417 9.15 0.88 14.05
N ASP A 418 9.76 1.88 14.66
CA ASP A 418 10.75 1.67 15.69
C ASP A 418 10.50 2.61 16.89
N ALA A 419 10.07 2.05 18.02
CA ALA A 419 9.72 2.83 19.22
C ALA A 419 10.82 3.80 19.69
N ASP A 420 12.07 3.41 19.49
CA ASP A 420 13.18 4.28 19.85
C ASP A 420 13.33 5.51 18.94
N LEU A 421 12.98 5.36 17.68
CA LEU A 421 13.00 6.47 16.76
C LEU A 421 11.88 7.45 17.11
N ALA A 422 10.69 6.92 17.38
CA ALA A 422 9.53 7.70 17.76
C ALA A 422 9.83 8.51 19.03
N ARG A 423 10.45 7.87 20.00
CA ARG A 423 10.75 8.50 21.28
C ARG A 423 11.67 9.70 21.14
N ARG A 424 12.68 9.60 20.28
CA ARG A 424 13.45 10.80 19.98
C ARG A 424 12.87 11.64 18.84
N ARG A 425 11.59 11.41 18.52
CA ARG A 425 10.86 12.21 17.54
C ARG A 425 11.52 12.32 16.14
N HIS A 426 12.14 11.23 15.71
CA HIS A 426 12.59 11.12 14.35
C HIS A 426 11.41 10.53 13.58
N PHE A 427 10.74 11.37 12.78
CA PHE A 427 9.52 10.96 12.08
C PHE A 427 9.72 10.94 10.60
N PRO A 428 8.89 10.13 9.93
CA PRO A 428 8.58 8.67 10.00
C PRO A 428 9.59 7.85 10.81
N ALA A 429 9.10 7.13 11.81
CA ALA A 429 9.97 6.38 12.71
C ALA A 429 10.39 5.03 12.13
N ILE A 430 10.78 5.06 10.86
CA ILE A 430 11.18 3.86 10.14
C ILE A 430 12.67 3.68 10.30
N ASN A 431 13.06 2.56 10.92
CA ASN A 431 14.46 2.22 11.15
C ASN A 431 15.04 1.91 9.78
N TRP A 432 16.02 2.71 9.37
CA TRP A 432 16.62 2.61 8.05
C TRP A 432 17.69 1.51 7.99
N LEU A 433 18.00 0.90 9.14
CA LEU A 433 18.92 -0.25 9.21
C LEU A 433 18.25 -1.63 9.26
N THR A 434 17.00 -1.72 9.77
CA THR A 434 16.33 -3.00 9.89
C THR A 434 15.19 -3.18 8.88
N SER A 435 14.85 -2.11 8.16
CA SER A 435 13.86 -2.16 7.09
C SER A 435 14.56 -2.69 5.85
N TYR A 436 13.78 -3.17 4.88
CA TYR A 436 14.34 -3.64 3.61
C TYR A 436 13.25 -3.66 2.54
N SER A 437 13.64 -3.55 1.29
CA SER A 437 12.72 -3.75 0.17
C SER A 437 13.42 -4.61 -0.85
N LEU A 438 12.70 -5.58 -1.41
CA LEU A 438 13.33 -6.45 -2.40
C LEU A 438 12.90 -6.00 -3.76
N TYR A 439 12.35 -4.79 -3.81
CA TYR A 439 11.88 -4.20 -5.06
C TYR A 439 12.79 -3.11 -5.61
N VAL A 440 13.91 -2.85 -4.97
CA VAL A 440 14.73 -1.71 -5.39
C VAL A 440 15.21 -1.81 -6.86
N ASP A 441 15.73 -2.96 -7.23
CA ASP A 441 16.11 -3.29 -8.60
C ASP A 441 14.93 -3.40 -9.54
N ALA A 442 13.79 -3.86 -9.03
CA ALA A 442 12.57 -3.95 -9.86
C ALA A 442 12.07 -2.58 -10.33
N VAL A 443 12.20 -1.55 -9.46
CA VAL A 443 11.62 -0.22 -9.73
C VAL A 443 12.59 0.82 -10.30
N LYS A 444 13.88 0.53 -10.23
CA LYS A 444 14.93 1.53 -10.57
C LYS A 444 14.81 2.07 -11.99
N ASP A 445 14.51 1.17 -12.93
CA ASP A 445 14.36 1.61 -14.32
C ASP A 445 13.22 2.60 -14.54
N TRP A 446 12.15 2.48 -13.78
CA TRP A 446 11.08 3.45 -13.83
C TRP A 446 11.56 4.84 -13.36
N TRP A 447 12.35 4.87 -12.30
CA TRP A 447 12.97 6.11 -11.79
C TRP A 447 13.97 6.68 -12.78
N HIS A 448 14.81 5.80 -13.32
CA HIS A 448 15.85 6.22 -14.25
C HIS A 448 15.28 6.82 -15.49
N LYS A 449 14.24 6.18 -16.02
CA LYS A 449 13.64 6.63 -17.28
C LYS A 449 12.71 7.81 -17.08
N ASN A 450 12.02 7.88 -15.96
CA ASN A 450 10.99 8.89 -15.82
C ASN A 450 11.35 10.09 -14.96
N ILE A 451 12.25 9.89 -13.99
CA ILE A 451 12.51 10.93 -12.99
C ILE A 451 13.96 11.41 -13.02
N ASP A 452 14.90 10.49 -12.91
CA ASP A 452 16.30 10.88 -12.79
C ASP A 452 17.14 9.65 -13.05
N PRO A 453 18.05 9.73 -14.03
CA PRO A 453 18.90 8.56 -14.38
C PRO A 453 19.86 8.12 -13.28
N GLU A 454 20.01 8.91 -12.23
CA GLU A 454 20.94 8.56 -11.15
C GLU A 454 20.26 8.17 -9.83
N TRP A 455 18.95 7.93 -9.87
CA TRP A 455 18.17 7.55 -8.71
C TRP A 455 18.84 6.47 -7.86
N LYS A 456 19.16 5.32 -8.46
CA LYS A 456 19.72 4.15 -7.77
C LYS A 456 21.16 4.34 -7.24
N ALA A 457 22.01 4.98 -8.01
CA ALA A 457 23.37 5.30 -7.58
C ALA A 457 23.27 6.21 -6.36
N MET A 458 22.41 7.21 -6.42
CA MET A 458 22.19 8.15 -5.32
C MET A 458 21.64 7.50 -4.07
N ARG A 459 20.58 6.68 -4.19
CA ARG A 459 20.13 5.95 -2.97
C ARG A 459 21.18 5.03 -2.38
N ASP A 460 21.92 4.35 -3.23
CA ASP A 460 22.95 3.42 -2.74
C ASP A 460 24.03 4.17 -2.00
N LYS A 461 24.45 5.29 -2.57
CA LYS A 461 25.41 6.19 -1.93
C LYS A 461 24.95 6.75 -0.56
N ALA A 462 23.69 7.21 -0.50
CA ALA A 462 23.12 7.71 0.75
C ALA A 462 23.00 6.62 1.80
N MET A 463 22.61 5.41 1.37
CA MET A 463 22.56 4.26 2.28
C MET A 463 23.94 3.86 2.81
N ALA A 464 24.95 3.84 1.94
CA ALA A 464 26.34 3.55 2.35
C ALA A 464 26.79 4.52 3.42
N LEU A 465 26.40 5.77 3.28
CA LEU A 465 26.69 6.80 4.29
C LEU A 465 25.94 6.58 5.63
N LEU A 466 24.69 6.14 5.52
CA LEU A 466 23.91 5.79 6.70
C LEU A 466 24.53 4.61 7.44
N GLN A 467 24.96 3.61 6.69
CA GLN A 467 25.73 2.49 7.23
C GLN A 467 27.10 2.83 7.82
N LYS A 468 27.83 3.76 7.19
CA LYS A 468 29.11 4.23 7.75
C LYS A 468 28.84 4.93 9.06
N GLU A 469 27.79 5.74 9.10
CA GLU A 469 27.47 6.50 10.30
C GLU A 469 27.23 5.55 11.47
N SER A 470 26.44 4.52 11.20
CA SER A 470 26.08 3.53 12.19
C SER A 470 27.32 2.75 12.75
N GLU A 471 28.25 2.34 11.90
CA GLU A 471 29.51 1.76 12.33
C GLU A 471 30.30 2.72 13.22
N LEU A 472 30.42 3.96 12.75
CA LEU A 472 31.10 5.00 13.49
C LEU A 472 30.50 5.32 14.85
N GLN A 473 29.17 5.28 14.96
CA GLN A 473 28.51 5.57 16.23
C GLN A 473 28.74 4.43 17.26
N GLU A 474 28.85 3.21 16.78
CA GLU A 474 29.21 2.09 17.64
C GLU A 474 30.58 2.30 18.23
N ILE A 475 31.57 2.55 17.38
CA ILE A 475 32.96 2.77 17.78
C ILE A 475 33.06 3.92 18.78
N VAL A 476 32.28 4.95 18.55
CA VAL A 476 32.31 6.15 19.37
C VAL A 476 31.61 5.90 20.71
N ARG A 477 30.81 4.83 20.79
CA ARG A 477 30.14 4.45 22.03
C ARG A 477 31.18 3.82 22.97
N ILE A 478 32.14 3.12 22.38
CA ILE A 478 33.23 2.47 23.08
C ILE A 478 34.31 3.48 23.48
N VAL A 479 34.84 4.24 22.52
CA VAL A 479 36.01 5.12 22.76
C VAL A 479 35.70 6.61 22.83
N GLY A 480 34.45 7.01 22.56
CA GLY A 480 34.13 8.44 22.49
C GLY A 480 34.59 9.17 21.23
N PRO A 481 34.23 10.46 21.09
CA PRO A 481 34.44 11.27 19.87
C PRO A 481 35.69 12.15 19.77
N ASP A 482 36.51 12.23 20.81
CA ASP A 482 37.62 13.19 20.81
C ASP A 482 38.73 12.83 19.83
N ALA A 483 38.88 11.55 19.52
CA ALA A 483 39.91 11.15 18.60
C ALA A 483 39.44 11.09 17.13
N LEU A 484 38.22 11.51 16.86
CA LEU A 484 37.71 11.47 15.49
C LEU A 484 38.52 12.38 14.60
N PRO A 485 39.05 11.84 13.49
CA PRO A 485 39.62 12.66 12.42
C PRO A 485 38.54 13.55 11.74
N GLU A 486 38.99 14.58 11.04
CA GLU A 486 38.10 15.53 10.35
C GLU A 486 37.22 14.80 9.35
N ARG A 487 37.79 13.83 8.64
CA ARG A 487 37.09 13.08 7.62
C ARG A 487 35.87 12.36 8.19
N GLU A 488 36.05 11.73 9.36
CA GLU A 488 34.98 11.00 10.00
C GLU A 488 33.98 11.93 10.65
N ARG A 489 34.46 13.06 11.15
CA ARG A 489 33.56 14.09 11.64
C ARG A 489 32.70 14.61 10.48
N ALA A 490 33.29 14.73 9.30
CA ALA A 490 32.59 15.17 8.11
C ALA A 490 31.50 14.18 7.66
N ILE A 491 31.81 12.87 7.75
CA ILE A 491 30.84 11.82 7.46
C ILE A 491 29.64 11.89 8.41
N LEU A 492 29.90 12.15 9.68
CA LEU A 492 28.88 12.28 10.70
C LEU A 492 27.99 13.50 10.50
N LEU A 493 28.62 14.59 10.06
CA LEU A 493 27.93 15.83 9.77
C LEU A 493 26.93 15.64 8.64
N VAL A 494 27.39 15.10 7.51
CA VAL A 494 26.57 14.86 6.32
C VAL A 494 25.48 13.76 6.52
N ALA A 495 25.80 12.70 7.29
CA ALA A 495 24.82 11.67 7.64
C ALA A 495 23.71 12.26 8.49
N ARG A 496 24.07 13.13 9.44
CA ARG A 496 23.11 13.86 10.21
C ARG A 496 22.21 14.74 9.32
N MET A 497 22.78 15.41 8.35
CA MET A 497 22.00 16.17 7.37
C MET A 497 21.03 15.27 6.58
N LEU A 498 21.51 14.12 6.11
CA LEU A 498 20.64 13.12 5.47
C LEU A 498 19.49 12.73 6.34
N ARG A 499 19.79 12.38 7.60
CA ARG A 499 18.78 11.97 8.56
C ARG A 499 17.69 13.07 8.79
N GLU A 500 18.16 14.29 9.05
CA GLU A 500 17.32 15.42 9.40
C GLU A 500 16.63 16.10 8.21
N ASP A 501 17.32 16.19 7.07
CA ASP A 501 16.83 16.96 5.92
C ASP A 501 16.12 16.08 4.90
N TYR A 502 16.28 14.77 5.00
CA TYR A 502 15.78 13.88 3.98
C TYR A 502 14.90 12.77 4.59
N LEU A 503 15.43 11.98 5.51
CA LEU A 503 14.64 10.89 6.09
C LEU A 503 13.43 11.38 6.86
N GLN A 504 13.67 12.35 7.74
CA GLN A 504 12.63 12.98 8.51
C GLN A 504 11.74 13.76 7.58
N GLN A 505 10.44 13.61 7.80
CA GLN A 505 9.47 14.21 6.93
C GLN A 505 8.31 14.67 7.80
N ASP A 506 7.71 15.82 7.47
CA ASP A 506 6.62 16.37 8.31
C ASP A 506 5.24 16.12 7.71
N ALA A 507 4.57 15.10 8.22
CA ALA A 507 3.24 14.70 7.74
C ALA A 507 2.17 15.75 8.05
N PHE A 508 2.46 16.60 9.03
CA PHE A 508 1.57 17.68 9.49
C PHE A 508 1.79 19.00 8.79
N ASP A 509 2.68 19.04 7.81
CA ASP A 509 2.98 20.29 7.16
C ASP A 509 2.32 20.29 5.80
N GLU A 510 1.83 21.45 5.39
CA GLU A 510 1.03 21.48 4.16
C GLU A 510 1.87 21.17 2.92
N VAL A 511 3.15 21.51 2.96
CA VAL A 511 4.08 21.11 1.88
C VAL A 511 4.63 19.70 2.12
N ASP A 512 5.25 19.45 3.27
CA ASP A 512 6.07 18.26 3.42
C ASP A 512 5.26 16.95 3.65
N THR A 513 3.95 17.07 3.73
CA THR A 513 3.08 15.92 3.85
C THR A 513 3.15 14.96 2.64
N TYR A 514 3.52 15.48 1.48
CA TYR A 514 3.70 14.70 0.28
C TYR A 514 4.95 15.20 -0.42
N CYS A 515 5.81 14.28 -0.87
CA CYS A 515 7.03 14.70 -1.58
C CYS A 515 7.06 14.05 -2.97
N PRO A 516 6.76 14.84 -4.01
CA PRO A 516 6.75 14.26 -5.37
C PRO A 516 8.09 13.61 -5.75
N PRO A 517 8.06 12.54 -6.56
CA PRO A 517 9.31 11.97 -7.09
C PRO A 517 10.38 13.01 -7.54
N GLU A 518 10.00 14.04 -8.30
CA GLU A 518 10.93 15.06 -8.82
C GLU A 518 11.59 15.82 -7.67
N LYS A 519 10.82 16.04 -6.61
CA LYS A 519 11.37 16.77 -5.48
C LYS A 519 12.36 15.90 -4.69
N GLN A 520 12.04 14.61 -4.58
CA GLN A 520 12.83 13.63 -3.83
C GLN A 520 14.26 13.56 -4.40
N VAL A 521 14.39 13.39 -5.72
CA VAL A 521 15.71 13.26 -6.36
C VAL A 521 16.51 14.56 -6.32
N THR A 522 15.82 15.70 -6.41
CA THR A 522 16.46 17.01 -6.33
C THR A 522 17.01 17.26 -4.92
N MET A 523 16.21 17.00 -3.90
CA MET A 523 16.70 17.05 -2.53
C MET A 523 17.89 16.09 -2.29
N MET A 524 17.86 14.93 -2.90
CA MET A 524 18.94 13.95 -2.76
C MET A 524 20.23 14.45 -3.44
N ARG A 525 20.07 15.02 -4.63
CA ARG A 525 21.20 15.65 -5.32
C ARG A 525 21.85 16.81 -4.55
N VAL A 526 21.03 17.66 -3.93
CA VAL A 526 21.53 18.75 -3.11
C VAL A 526 22.38 18.20 -1.96
N LEU A 527 21.88 17.14 -1.31
CA LEU A 527 22.59 16.55 -0.18
C LEU A 527 23.89 15.80 -0.54
N LEU A 528 23.85 15.03 -1.62
CA LEU A 528 24.99 14.26 -2.06
C LEU A 528 26.04 15.15 -2.69
N ASN A 529 25.60 16.20 -3.37
CA ASN A 529 26.53 17.22 -3.82
C ASN A 529 27.21 17.91 -2.63
N PHE A 530 26.48 18.19 -1.56
CA PHE A 530 27.10 18.76 -0.36
C PHE A 530 28.12 17.76 0.24
N TYR A 531 27.77 16.47 0.15
CA TYR A 531 28.71 15.43 0.59
C TYR A 531 30.03 15.50 -0.21
N ASP A 532 29.93 15.45 -1.54
CA ASP A 532 31.08 15.50 -2.40
C ASP A 532 31.96 16.69 -2.06
N LYS A 533 31.37 17.91 -2.06
CA LYS A 533 32.08 19.14 -1.72
C LYS A 533 32.67 19.17 -0.31
N THR A 534 31.96 18.59 0.68
CA THR A 534 32.53 18.47 2.01
C THR A 534 33.84 17.64 2.01
N MET A 535 33.84 16.49 1.34
CA MET A 535 34.97 15.56 1.41
C MET A 535 36.12 16.12 0.61
N GLU A 536 35.81 16.84 -0.45
CA GLU A 536 36.87 17.45 -1.22
C GLU A 536 37.47 18.67 -0.53
N ALA A 537 36.71 19.32 0.35
CA ALA A 537 37.20 20.45 1.12
C ALA A 537 38.08 19.95 2.27
N ILE A 538 37.59 18.97 3.02
CA ILE A 538 38.40 18.27 4.03
C ILE A 538 39.75 17.96 3.35
N ASN A 539 39.65 17.36 2.18
CA ASN A 539 40.77 16.94 1.37
C ASN A 539 41.66 18.09 0.92
N ARG A 540 41.32 19.31 1.29
CA ARG A 540 42.07 20.43 0.82
C ARG A 540 42.45 21.36 1.96
N GLY A 541 42.27 20.87 3.19
CA GLY A 541 42.66 21.62 4.38
C GLY A 541 41.61 22.51 5.01
N VAL A 542 40.40 22.58 4.45
CA VAL A 542 39.34 23.43 5.02
C VAL A 542 38.85 22.77 6.30
N PRO A 543 38.91 23.48 7.44
CA PRO A 543 38.41 22.87 8.68
C PRO A 543 36.92 22.56 8.60
N LEU A 544 36.52 21.46 9.21
CA LEU A 544 35.14 21.05 9.23
C LEU A 544 34.22 22.09 9.88
N GLU A 545 34.80 22.86 10.80
CA GLU A 545 34.12 23.92 11.54
C GLU A 545 33.56 24.98 10.58
N GLU A 546 34.31 25.25 9.52
CA GLU A 546 33.97 26.19 8.47
C GLU A 546 32.85 25.67 7.57
N ILE A 547 32.84 24.35 7.32
CA ILE A 547 31.82 23.72 6.50
C ILE A 547 30.50 23.58 7.27
N ALA A 548 30.60 23.23 8.55
CA ALA A 548 29.45 23.10 9.44
C ALA A 548 28.60 24.39 9.54
N LYS A 549 29.22 25.53 9.27
CA LYS A 549 28.55 26.79 9.50
C LYS A 549 28.42 27.54 8.19
N LEU A 550 28.60 26.80 7.08
CA LEU A 550 28.30 27.31 5.75
C LEU A 550 26.82 27.73 5.74
N PRO A 551 26.54 28.96 5.28
CA PRO A 551 25.15 29.43 5.31
C PRO A 551 24.16 28.52 4.54
N VAL A 552 24.57 27.95 3.42
CA VAL A 552 23.71 27.05 2.64
C VAL A 552 23.13 25.84 3.42
N ARG A 553 23.85 25.36 4.45
CA ARG A 553 23.40 24.26 5.29
C ARG A 553 22.04 24.49 5.88
N GLU A 554 21.75 25.70 6.32
CA GLU A 554 20.42 25.92 6.91
C GLU A 554 19.36 26.01 5.85
N GLU A 555 19.72 26.39 4.64
CA GLU A 555 18.73 26.37 3.55
C GLU A 555 18.43 24.92 3.16
N ILE A 556 19.46 24.07 3.15
CA ILE A 556 19.32 22.62 2.97
C ILE A 556 18.43 21.99 4.04
N GLY A 557 18.58 22.40 5.29
CA GLY A 557 17.70 21.94 6.36
C GLY A 557 16.24 22.35 6.20
N ARG A 558 15.95 23.34 5.37
CA ARG A 558 14.57 23.82 5.16
C ARG A 558 13.96 23.43 3.80
N MET A 559 14.74 22.84 2.91
CA MET A 559 14.23 22.55 1.56
C MET A 559 13.03 21.64 1.54
N LYS A 560 12.88 20.74 2.49
CA LYS A 560 11.65 19.93 2.51
C LYS A 560 10.34 20.77 2.54
N PHE A 561 10.43 22.04 2.98
CA PHE A 561 9.24 22.91 3.13
C PHE A 561 9.01 23.80 1.90
N GLU A 562 9.95 23.78 0.97
CA GLU A 562 9.83 24.50 -0.29
C GLU A 562 9.02 23.71 -1.33
N ARG A 563 7.96 24.31 -1.87
CA ARG A 563 7.21 23.62 -2.91
C ARG A 563 7.78 23.81 -4.30
N ASP A 564 8.51 24.90 -4.52
CA ASP A 564 9.14 25.14 -5.82
C ASP A 564 10.45 24.36 -5.99
N VAL A 565 10.43 23.33 -6.82
CA VAL A 565 11.57 22.41 -6.96
C VAL A 565 12.80 23.06 -7.59
N SER A 566 12.58 24.02 -8.49
CA SER A 566 13.69 24.78 -9.09
C SER A 566 14.47 25.62 -8.08
N LYS A 567 13.80 26.08 -7.02
CA LYS A 567 14.48 26.80 -5.95
C LYS A 567 15.32 25.85 -5.10
N ILE A 568 14.84 24.62 -4.90
CA ILE A 568 15.59 23.58 -4.21
C ILE A 568 16.81 23.28 -5.06
N ARG A 569 16.60 23.06 -6.36
CA ARG A 569 17.69 22.75 -7.32
C ARG A 569 18.78 23.82 -7.38
N SER A 570 18.41 25.07 -7.10
CA SER A 570 19.37 26.17 -7.17
C SER A 570 20.38 26.09 -6.05
N LEU A 571 20.03 25.35 -4.98
CA LEU A 571 20.96 25.14 -3.86
C LEU A 571 22.23 24.40 -4.24
N ILE A 572 22.20 23.66 -5.36
CA ILE A 572 23.40 23.00 -5.87
C ILE A 572 24.48 24.01 -6.23
N ASP A 573 24.15 24.99 -7.08
CA ASP A 573 25.08 26.06 -7.46
C ASP A 573 25.46 26.94 -6.27
N LYS A 574 24.50 27.20 -5.40
CA LYS A 574 24.72 28.01 -4.23
C LYS A 574 25.69 27.29 -3.24
N THR A 575 25.59 25.96 -3.16
CA THR A 575 26.57 25.16 -2.44
C THR A 575 27.93 25.27 -3.13
N ASN A 576 27.94 25.03 -4.43
CA ASN A 576 29.17 25.04 -5.16
C ASN A 576 29.97 26.33 -4.93
N GLU A 577 29.31 27.48 -5.06
CA GLU A 577 29.97 28.76 -4.96
C GLU A 577 30.41 29.09 -3.53
N GLN A 578 29.55 28.83 -2.55
CA GLN A 578 29.96 29.02 -1.15
C GLN A 578 31.21 28.25 -0.80
N PHE A 579 31.34 27.04 -1.36
CA PHE A 579 32.53 26.23 -1.17
C PHE A 579 33.76 26.85 -1.84
N GLU A 580 33.56 27.44 -3.02
CA GLU A 580 34.60 28.22 -3.70
C GLU A 580 35.16 29.33 -2.84
N GLU A 581 34.27 30.07 -2.18
CA GLU A 581 34.68 31.10 -1.23
C GLU A 581 35.63 30.54 -0.17
N LEU A 582 35.25 29.41 0.43
CA LEU A 582 36.09 28.69 1.39
C LEU A 582 37.40 28.25 0.80
N PHE A 583 37.36 27.77 -0.45
CA PHE A 583 38.54 27.31 -1.16
C PHE A 583 39.55 28.44 -1.35
N LYS A 584 39.05 29.66 -1.58
CA LYS A 584 39.92 30.81 -1.78
C LYS A 584 40.32 31.50 -0.45
N LYS A 585 39.39 31.61 0.51
CA LYS A 585 39.72 32.09 1.85
C LYS A 585 40.85 31.26 2.47
N TYR A 586 40.73 29.93 2.42
CA TYR A 586 41.79 29.07 2.94
C TYR A 586 42.84 28.80 1.90
N GLY A 587 42.85 29.63 0.84
CA GLY A 587 43.77 29.48 -0.29
C GLY A 587 43.87 28.04 -0.73
N ALA A 588 42.82 27.28 -0.42
CA ALA A 588 42.79 25.80 -0.47
C ALA A 588 42.54 25.22 -1.85
#